data_5EQL
#
_entry.id   5EQL
#
_cell.length_a   74.270
_cell.length_b   74.270
_cell.length_c   59.717
_cell.angle_alpha   90.00
_cell.angle_beta   90.00
_cell.angle_gamma   120.00
#
_symmetry.space_group_name_H-M   'P 31 2 1'
#
loop_
_entity.id
_entity.type
_entity.pdbx_description
1 polymer SUMO-Affirmer-S2D5
2 polymer 'Small ubiquitin-related modifier 2'
3 water water
#
loop_
_entity_poly.entity_id
_entity_poly.type
_entity_poly.pdbx_seq_one_letter_code
_entity_poly.pdbx_strand_id
1 'polypeptide(L)'
;MASAATGVRAVPGNENSLEIEELARFAVDEHNKKENALLEFVRVVKAKEQIDLTQEWVFTMYYLTLEAKDGGKKKLYEAK
VWVKGLTNWKLGMNFKELQEFKPVGDAAAAHHHHHH
;
A
2 'polypeptide(L)' MNNDHINLKVAGQDGSVVQFKIKRHTPLSKLMKAYCERQGLSMRQIRFRFDGQPINETDTPAQLEMEDEDTIDVFQQ B
#
# COMPACT_ATOMS: atom_id res chain seq x y z
N SER A 17 -2.21 7.34 -10.02
CA SER A 17 -1.02 8.13 -10.51
C SER A 17 -1.15 9.64 -10.29
N LEU A 18 -2.38 10.18 -10.37
CA LEU A 18 -2.60 11.62 -10.07
C LEU A 18 -2.56 11.81 -8.56
N GLU A 19 -3.42 11.09 -7.86
CA GLU A 19 -3.43 11.01 -6.40
C GLU A 19 -2.05 10.73 -5.76
N ILE A 20 -1.19 10.09 -6.52
CA ILE A 20 0.16 9.72 -6.11
C ILE A 20 1.14 10.89 -6.31
N GLU A 21 0.99 11.65 -7.37
CA GLU A 21 1.82 12.83 -7.61
C GLU A 21 1.53 13.90 -6.54
N GLU A 22 0.28 14.02 -6.15
CA GLU A 22 -0.11 14.94 -5.09
C GLU A 22 0.56 14.55 -3.78
N LEU A 23 0.82 13.26 -3.58
CA LEU A 23 1.61 12.77 -2.44
C LEU A 23 3.08 13.08 -2.59
N ALA A 24 3.61 12.81 -3.78
CA ALA A 24 5.03 13.01 -4.06
C ALA A 24 5.40 14.46 -3.94
N ARG A 25 4.49 15.36 -4.32
CA ARG A 25 4.70 16.81 -4.21
C ARG A 25 4.84 17.12 -2.72
N PHE A 26 3.95 16.53 -1.92
CA PHE A 26 3.98 16.76 -0.48
C PHE A 26 5.30 16.25 0.14
N ALA A 27 5.80 15.11 -0.34
CA ALA A 27 7.04 14.56 0.18
C ALA A 27 8.20 15.49 -0.04
N VAL A 28 8.26 16.05 -1.25
CA VAL A 28 9.31 16.97 -1.63
C VAL A 28 9.22 18.24 -0.78
N ASP A 29 8.00 18.77 -0.65
CA ASP A 29 7.76 20.00 0.11
C ASP A 29 8.17 19.87 1.57
N GLU A 30 7.96 18.70 2.13
CA GLU A 30 8.32 18.43 3.51
C GLU A 30 9.81 18.19 3.67
N HIS A 31 10.44 17.53 2.70
CA HIS A 31 11.91 17.39 2.68
C HIS A 31 12.60 18.76 2.72
N ASN A 32 12.08 19.67 1.89
CA ASN A 32 12.57 21.04 1.82
C ASN A 32 12.38 21.78 3.16
N LYS A 33 11.17 21.72 3.71
CA LYS A 33 10.85 22.39 4.99
C LYS A 33 11.57 21.73 6.17
N LYS A 34 11.82 20.42 6.13
CA LYS A 34 12.50 19.71 7.23
C LYS A 34 14.00 19.88 7.18
N GLU A 35 14.52 20.35 6.06
CA GLU A 35 15.97 20.38 5.88
C GLU A 35 16.48 21.63 5.17
N ASN A 36 15.61 22.63 5.02
CA ASN A 36 15.93 23.88 4.32
C ASN A 36 16.59 23.60 2.96
N ALA A 37 15.86 22.96 2.06
CA ALA A 37 16.39 22.62 0.73
C ALA A 37 15.52 23.20 -0.36
N LEU A 38 16.09 23.28 -1.56
CA LEU A 38 15.37 23.76 -2.74
C LEU A 38 15.45 22.62 -3.77
N LEU A 39 14.65 21.57 -3.56
CA LEU A 39 14.49 20.49 -4.54
C LEU A 39 13.40 20.78 -5.58
N GLU A 40 13.64 20.29 -6.79
CA GLU A 40 12.76 20.49 -7.93
C GLU A 40 11.99 19.21 -8.25
N PHE A 41 10.74 19.14 -7.82
CA PHE A 41 9.92 17.95 -8.03
C PHE A 41 9.70 17.71 -9.52
N VAL A 42 10.06 16.52 -10.00
CA VAL A 42 9.80 16.19 -11.40
C VAL A 42 8.56 15.30 -11.54
N ARG A 43 8.70 14.02 -11.21
CA ARG A 43 7.64 13.05 -11.42
C ARG A 43 7.89 11.79 -10.61
N VAL A 44 6.85 10.97 -10.48
CA VAL A 44 6.97 9.68 -9.85
C VAL A 44 7.53 8.62 -10.79
N VAL A 45 8.67 8.07 -10.42
CA VAL A 45 9.33 6.99 -11.17
C VAL A 45 8.76 5.61 -10.82
N LYS A 46 8.50 5.37 -9.52
CA LYS A 46 7.95 4.10 -9.05
C LYS A 46 7.03 4.39 -7.85
N ALA A 47 6.02 3.55 -7.62
CA ALA A 47 5.05 3.79 -6.53
C ALA A 47 4.34 2.52 -6.04
N LYS A 48 4.46 2.25 -4.75
CA LYS A 48 3.67 1.20 -4.11
C LYS A 48 2.89 1.75 -2.91
N GLU A 49 1.60 1.47 -2.91
CA GLU A 49 0.73 1.63 -1.76
C GLU A 49 0.54 0.32 -1.07
N GLN A 50 0.84 0.32 0.23
CA GLN A 50 0.65 -0.86 1.07
C GLN A 50 -0.18 -0.57 2.30
N ILE A 51 -1.30 -1.28 2.40
CA ILE A 51 -2.22 -1.14 3.50
C ILE A 51 -1.84 -2.02 4.69
N ASP A 52 -1.56 -1.37 5.83
CA ASP A 52 -1.01 -2.03 6.98
C ASP A 52 -2.14 -2.35 7.94
N LEU A 53 -2.34 -3.62 8.18
CA LEU A 53 -3.44 -4.11 9.01
C LEU A 53 -2.93 -4.67 10.34
N THR A 54 -1.66 -4.39 10.64
CA THR A 54 -1.03 -5.03 11.83
C THR A 54 -1.44 -4.45 13.18
N GLN A 55 -2.10 -3.29 13.17
CA GLN A 55 -2.41 -2.58 14.40
C GLN A 55 -3.89 -2.35 14.49
N GLU A 56 -4.31 -1.83 15.63
CA GLU A 56 -5.73 -1.60 15.92
C GLU A 56 -6.28 -0.67 14.83
N TRP A 57 -5.47 0.33 14.49
CA TRP A 57 -5.79 1.32 13.49
C TRP A 57 -5.22 0.96 12.11
N VAL A 58 -6.08 0.99 11.12
CA VAL A 58 -5.58 0.79 9.76
C VAL A 58 -4.83 2.05 9.33
N PHE A 59 -3.65 1.87 8.74
CA PHE A 59 -3.04 2.97 8.00
C PHE A 59 -2.44 2.49 6.66
N THR A 60 -2.09 3.42 5.78
CA THR A 60 -1.53 3.13 4.46
C THR A 60 -0.13 3.72 4.34
N MET A 61 0.87 2.90 4.00
CA MET A 61 2.20 3.44 3.65
C MET A 61 2.38 3.61 2.14
N TYR A 62 2.91 4.76 1.72
CA TYR A 62 3.35 4.95 0.35
C TYR A 62 4.82 4.90 0.13
N TYR A 63 5.27 4.11 -0.82
CA TYR A 63 6.71 4.01 -1.09
C TYR A 63 6.94 4.55 -2.48
N LEU A 64 7.55 5.71 -2.52
CA LEU A 64 7.63 6.46 -3.73
C LEU A 64 9.09 6.59 -4.13
N THR A 65 9.35 6.26 -5.38
CA THR A 65 10.56 6.71 -6.05
C THR A 65 10.18 7.84 -7.00
N LEU A 66 10.71 9.03 -6.71
CA LEU A 66 10.53 10.19 -7.53
C LEU A 66 11.91 10.75 -7.91
N GLU A 67 12.02 11.44 -9.05
CA GLU A 67 13.28 12.10 -9.41
C GLU A 67 13.12 13.59 -9.21
N ALA A 68 14.19 14.23 -8.77
CA ALA A 68 14.17 15.66 -8.51
C ALA A 68 15.54 16.22 -8.84
N LYS A 69 15.54 17.38 -9.51
CA LYS A 69 16.76 18.04 -9.94
C LYS A 69 17.40 18.78 -8.73
N ASP A 70 18.49 18.23 -8.21
CA ASP A 70 19.28 18.92 -7.19
C ASP A 70 20.37 19.81 -7.81
N GLY A 71 20.22 21.11 -7.67
CA GLY A 71 21.10 22.05 -8.36
C GLY A 71 20.83 22.00 -9.85
N GLY A 72 19.62 21.58 -10.23
CA GLY A 72 19.27 21.40 -11.64
C GLY A 72 19.64 20.01 -12.16
N LYS A 73 20.47 19.26 -11.39
CA LYS A 73 20.96 17.92 -11.80
C LYS A 73 19.99 16.80 -11.36
N LYS A 74 19.54 16.02 -12.35
CA LYS A 74 18.59 14.89 -12.15
C LYS A 74 19.17 13.84 -11.22
N LYS A 75 18.43 13.55 -10.13
CA LYS A 75 18.79 12.49 -9.19
C LYS A 75 17.54 11.75 -8.67
N LEU A 76 17.73 10.51 -8.18
CA LEU A 76 16.62 9.61 -7.83
C LEU A 76 16.46 9.43 -6.30
N TYR A 77 15.28 9.81 -5.81
CA TYR A 77 15.00 9.92 -4.35
C TYR A 77 13.93 8.98 -3.84
N GLU A 78 14.22 8.28 -2.73
CA GLU A 78 13.25 7.39 -2.09
C GLU A 78 12.46 8.11 -0.99
N ALA A 79 11.15 7.90 -0.97
CA ALA A 79 10.24 8.56 -0.02
C ALA A 79 9.20 7.58 0.53
N LYS A 80 8.98 7.68 1.84
CA LYS A 80 7.96 6.91 2.53
C LYS A 80 7.04 7.89 3.14
N VAL A 81 5.77 7.73 2.83
CA VAL A 81 4.76 8.65 3.27
C VAL A 81 3.64 7.86 3.96
N TRP A 82 3.52 8.14 5.25
CA TRP A 82 2.55 7.51 6.12
C TRP A 82 1.21 8.21 5.98
N VAL A 83 0.14 7.44 5.87
CA VAL A 83 -1.19 7.97 5.77
C VAL A 83 -2.13 7.24 6.74
N LYS A 84 -2.83 7.99 7.60
CA LYS A 84 -3.84 7.39 8.50
C LYS A 84 -4.99 6.89 7.66
N GLY A 85 -5.49 5.72 7.97
CA GLY A 85 -6.63 5.15 7.23
C GLY A 85 -6.32 4.74 5.79
N LEU A 86 -7.38 4.61 5.01
CA LEU A 86 -7.32 4.30 3.59
C LEU A 86 -7.30 5.54 2.69
N THR A 87 -6.67 5.43 1.52
CA THR A 87 -6.46 6.59 0.66
C THR A 87 -7.76 7.23 0.21
N ASN A 88 -8.72 6.42 -0.22
CA ASN A 88 -9.88 7.03 -0.85
C ASN A 88 -10.76 7.86 0.13
N TRP A 89 -10.59 7.61 1.43
CA TRP A 89 -11.16 8.49 2.47
C TRP A 89 -10.37 9.84 2.50
N LYS A 96 -1.84 12.41 6.94
CA LYS A 96 -0.60 12.40 6.13
C LYS A 96 0.67 12.86 6.85
N GLU A 97 1.80 12.18 6.63
CA GLU A 97 3.11 12.53 7.26
C GLU A 97 4.33 11.91 6.54
N LEU A 98 5.32 12.74 6.16
CA LEU A 98 6.59 12.21 5.60
C LEU A 98 7.36 11.47 6.68
N GLN A 99 7.91 10.31 6.34
CA GLN A 99 8.71 9.55 7.30
C GLN A 99 10.15 9.26 6.88
N GLU A 100 10.49 9.44 5.61
CA GLU A 100 11.86 9.22 5.16
C GLU A 100 11.94 9.76 3.78
N PHE A 101 13.11 10.29 3.47
CA PHE A 101 13.39 10.90 2.18
C PHE A 101 14.89 10.87 1.96
N LYS A 102 15.33 10.01 1.05
CA LYS A 102 16.76 9.84 0.81
C LYS A 102 17.04 9.67 -0.69
N PRO A 103 18.33 9.70 -1.08
CA PRO A 103 18.79 9.14 -2.36
C PRO A 103 19.02 7.60 -2.31
N VAL A 104 19.14 6.98 -3.47
CA VAL A 104 19.09 5.51 -3.59
C VAL A 104 20.25 4.71 -2.93
N ASN B 2 7.64 -9.08 13.39
CA ASN B 2 8.32 -8.87 12.06
C ASN B 2 8.11 -10.08 11.18
N ASN B 3 8.54 -11.27 11.62
CA ASN B 3 8.23 -12.58 10.94
C ASN B 3 6.80 -13.01 11.24
N ASP B 4 6.19 -12.32 12.20
CA ASP B 4 4.78 -12.49 12.39
C ASP B 4 3.96 -11.68 11.34
N HIS B 5 4.60 -10.82 10.59
CA HIS B 5 3.94 -10.03 9.57
C HIS B 5 4.28 -10.65 8.20
N ILE B 6 3.31 -10.72 7.30
CA ILE B 6 3.56 -11.03 5.90
C ILE B 6 2.88 -10.08 4.95
N ASN B 7 3.43 -9.98 3.75
CA ASN B 7 2.87 -9.12 2.71
C ASN B 7 2.01 -9.93 1.80
N LEU B 8 0.81 -9.43 1.51
CA LEU B 8 -0.10 -10.15 0.61
C LEU B 8 -0.69 -9.22 -0.39
N LYS B 9 -1.07 -9.78 -1.55
CA LYS B 9 -1.57 -9.03 -2.67
C LYS B 9 -2.98 -9.56 -2.93
N VAL B 10 -3.89 -8.64 -3.28
CA VAL B 10 -5.22 -9.05 -3.74
C VAL B 10 -5.39 -8.67 -5.21
N ALA B 11 -5.49 -9.71 -6.03
CA ALA B 11 -5.52 -9.51 -7.49
C ALA B 11 -6.92 -9.64 -8.05
N GLY B 12 -7.35 -8.63 -8.81
CA GLY B 12 -8.67 -8.59 -9.45
C GLY B 12 -8.60 -8.99 -10.91
N GLN B 13 -9.74 -9.35 -11.48
CA GLN B 13 -9.84 -9.64 -12.94
C GLN B 13 -9.53 -8.40 -13.81
N ASP B 14 -9.76 -7.23 -13.22
CA ASP B 14 -9.45 -5.97 -13.90
C ASP B 14 -7.95 -5.73 -13.99
N GLY B 15 -7.13 -6.63 -13.46
CA GLY B 15 -5.67 -6.42 -13.39
C GLY B 15 -5.28 -5.44 -12.29
N SER B 16 -6.22 -5.11 -11.40
CA SER B 16 -5.83 -4.35 -10.17
C SER B 16 -5.19 -5.26 -9.13
N VAL B 17 -4.07 -4.79 -8.57
CA VAL B 17 -3.38 -5.42 -7.47
C VAL B 17 -3.33 -4.49 -6.24
N VAL B 18 -3.93 -4.94 -5.16
CA VAL B 18 -3.91 -4.21 -3.89
C VAL B 18 -3.11 -4.98 -2.81
N GLN B 19 -2.14 -4.28 -2.21
CA GLN B 19 -1.13 -4.90 -1.34
C GLN B 19 -1.39 -4.62 0.14
N PHE B 20 -1.30 -5.67 0.98
CA PHE B 20 -1.59 -5.57 2.42
C PHE B 20 -0.44 -6.10 3.23
N LYS B 21 -0.17 -5.52 4.39
CA LYS B 21 0.70 -6.15 5.40
C LYS B 21 -0.21 -6.55 6.54
N ILE B 22 -0.11 -7.82 6.91
CA ILE B 22 -1.00 -8.39 7.90
C ILE B 22 -0.25 -9.33 8.86
N LYS B 23 -0.70 -9.41 10.10
CA LYS B 23 -0.19 -10.45 11.03
C LYS B 23 -0.71 -11.85 10.57
N ARG B 24 0.09 -12.89 10.72
CA ARG B 24 -0.28 -14.24 10.28
C ARG B 24 -1.54 -14.85 10.88
N HIS B 25 -1.92 -14.42 12.08
CA HIS B 25 -3.03 -14.98 12.81
C HIS B 25 -4.16 -14.03 12.94
N THR B 26 -4.17 -13.00 12.10
CA THR B 26 -5.31 -12.12 11.98
C THR B 26 -6.28 -12.70 10.98
N PRO B 27 -7.59 -12.70 11.30
CA PRO B 27 -8.52 -13.31 10.40
C PRO B 27 -8.57 -12.54 9.08
N LEU B 28 -8.77 -13.26 7.99
CA LEU B 28 -8.73 -12.67 6.65
C LEU B 28 -9.86 -11.68 6.42
N SER B 29 -10.88 -11.74 7.28
CA SER B 29 -12.02 -10.84 7.20
C SER B 29 -11.59 -9.40 7.25
N LYS B 30 -10.50 -9.14 7.96
CA LYS B 30 -10.04 -7.78 8.22
C LYS B 30 -9.51 -7.23 6.91
N LEU B 31 -8.82 -8.08 6.16
CA LEU B 31 -8.24 -7.72 4.87
C LEU B 31 -9.33 -7.59 3.82
N MET B 32 -10.28 -8.52 3.80
CA MET B 32 -11.42 -8.44 2.88
C MET B 32 -12.20 -7.14 2.99
N LYS B 33 -12.61 -6.77 4.21
CA LYS B 33 -13.41 -5.55 4.46
C LYS B 33 -12.56 -4.32 4.13
N ALA B 34 -11.28 -4.33 4.46
CA ALA B 34 -10.42 -3.24 4.09
C ALA B 34 -10.29 -3.14 2.54
N TYR B 35 -10.17 -4.28 1.85
CA TYR B 35 -10.08 -4.31 0.41
C TYR B 35 -11.36 -3.72 -0.19
N CYS B 36 -12.53 -4.11 0.35
CA CYS B 36 -13.82 -3.59 -0.15
C CYS B 36 -13.96 -2.07 -0.07
N GLU B 37 -13.66 -1.54 1.10
CA GLU B 37 -13.72 -0.09 1.36
C GLU B 37 -12.71 0.63 0.48
N ARG B 38 -11.51 0.06 0.35
CA ARG B 38 -10.48 0.61 -0.53
C ARG B 38 -10.90 0.71 -1.99
N GLN B 39 -11.65 -0.29 -2.47
CA GLN B 39 -11.97 -0.39 -3.89
C GLN B 39 -13.40 0.01 -4.23
N GLY B 40 -14.14 0.49 -3.24
CA GLY B 40 -15.51 0.93 -3.49
C GLY B 40 -16.40 -0.27 -3.80
N LEU B 41 -16.17 -1.37 -3.08
CA LEU B 41 -16.92 -2.59 -3.31
C LEU B 41 -17.70 -3.05 -2.07
N SER B 42 -18.68 -3.91 -2.32
CA SER B 42 -19.48 -4.56 -1.28
C SER B 42 -19.14 -6.07 -1.19
N MET B 43 -18.98 -6.55 0.04
CA MET B 43 -18.67 -7.93 0.38
C MET B 43 -19.64 -8.94 -0.24
N ARG B 44 -20.91 -8.58 -0.26
CA ARG B 44 -21.97 -9.46 -0.75
C ARG B 44 -21.88 -9.64 -2.25
N GLN B 45 -20.93 -8.98 -2.90
CA GLN B 45 -20.83 -9.07 -4.34
C GLN B 45 -19.44 -9.47 -4.83
N ILE B 46 -18.55 -9.85 -3.90
CA ILE B 46 -17.28 -10.40 -4.27
C ILE B 46 -16.95 -11.61 -3.40
N ARG B 47 -16.14 -12.46 -4.01
CA ARG B 47 -15.66 -13.66 -3.36
C ARG B 47 -14.14 -13.70 -3.53
N PHE B 48 -13.48 -14.30 -2.57
CA PHE B 48 -12.06 -14.39 -2.48
C PHE B 48 -11.70 -15.87 -2.62
N ARG B 49 -10.62 -16.11 -3.33
CA ARG B 49 -10.03 -17.43 -3.44
C ARG B 49 -8.53 -17.39 -3.24
N PHE B 50 -7.99 -18.47 -2.74
CA PHE B 50 -6.54 -18.57 -2.63
C PHE B 50 -6.16 -19.96 -3.12
N ASP B 51 -5.23 -20.05 -4.06
CA ASP B 51 -4.87 -21.35 -4.71
C ASP B 51 -6.10 -22.06 -5.26
N GLY B 52 -7.01 -21.31 -5.91
CA GLY B 52 -8.29 -21.86 -6.47
C GLY B 52 -9.42 -22.23 -5.48
N GLN B 53 -9.16 -22.10 -4.18
CA GLN B 53 -10.10 -22.52 -3.17
C GLN B 53 -10.68 -21.30 -2.51
N PRO B 54 -11.97 -21.33 -2.19
CA PRO B 54 -12.63 -20.19 -1.57
C PRO B 54 -12.13 -19.91 -0.16
N ILE B 55 -12.19 -18.66 0.27
CA ILE B 55 -11.64 -18.27 1.55
C ILE B 55 -12.77 -17.91 2.53
N ASN B 56 -12.71 -18.47 3.75
CA ASN B 56 -13.59 -18.06 4.86
C ASN B 56 -13.08 -16.80 5.51
N GLU B 57 -13.99 -15.95 5.98
CA GLU B 57 -13.61 -14.78 6.74
C GLU B 57 -12.83 -15.19 7.99
N THR B 58 -13.17 -16.34 8.55
CA THR B 58 -12.61 -16.72 9.80
C THR B 58 -11.18 -17.26 9.64
N ASP B 59 -10.82 -17.63 8.43
CA ASP B 59 -9.54 -18.23 8.16
C ASP B 59 -8.43 -17.23 8.41
N THR B 60 -7.26 -17.70 8.84
CA THR B 60 -6.10 -16.86 8.95
C THR B 60 -5.11 -17.25 7.88
N PRO B 61 -4.18 -16.33 7.57
CA PRO B 61 -3.08 -16.66 6.66
C PRO B 61 -2.29 -17.91 7.09
N ALA B 62 -2.12 -18.05 8.39
CA ALA B 62 -1.36 -19.15 8.95
C ALA B 62 -2.03 -20.48 8.74
N GLN B 63 -3.36 -20.54 8.94
CA GLN B 63 -4.15 -21.79 8.65
C GLN B 63 -4.06 -22.19 7.16
N LEU B 64 -4.00 -21.18 6.29
CA LEU B 64 -3.87 -21.42 4.82
C LEU B 64 -2.45 -21.55 4.38
N GLU B 65 -1.50 -21.53 5.31
CA GLU B 65 -0.07 -21.57 4.99
C GLU B 65 0.34 -20.62 3.93
N MET B 66 -0.25 -19.44 3.94
CA MET B 66 0.21 -18.32 3.09
C MET B 66 1.55 -17.83 3.56
N GLU B 67 2.34 -17.42 2.60
CA GLU B 67 3.66 -16.94 2.83
C GLU B 67 3.78 -15.53 2.29
N ASP B 68 4.88 -14.89 2.61
CA ASP B 68 5.13 -13.53 2.20
C ASP B 68 4.98 -13.42 0.68
N GLU B 69 4.30 -12.36 0.22
CA GLU B 69 4.16 -12.13 -1.24
C GLU B 69 3.11 -12.97 -1.99
N ASP B 70 2.39 -13.82 -1.33
CA ASP B 70 1.31 -14.58 -1.98
C ASP B 70 0.17 -13.70 -2.42
N THR B 71 -0.65 -14.22 -3.34
CA THR B 71 -1.77 -13.50 -3.90
C THR B 71 -3.07 -14.16 -3.61
N ILE B 72 -3.97 -13.36 -3.06
CA ILE B 72 -5.42 -13.75 -3.03
C ILE B 72 -6.09 -13.21 -4.31
N ASP B 73 -7.01 -13.98 -4.90
CA ASP B 73 -7.73 -13.57 -6.11
C ASP B 73 -9.18 -13.23 -5.76
N VAL B 74 -9.73 -12.19 -6.39
CA VAL B 74 -11.12 -11.71 -6.11
C VAL B 74 -11.93 -11.73 -7.36
N PHE B 75 -13.21 -12.08 -7.23
CA PHE B 75 -14.08 -12.19 -8.39
C PHE B 75 -15.38 -11.60 -7.98
N GLN B 76 -16.20 -11.28 -8.96
CA GLN B 76 -17.56 -10.86 -8.75
C GLN B 76 -18.43 -12.07 -8.45
N GLN B 77 -19.29 -11.89 -7.45
CA GLN B 77 -20.17 -12.94 -6.98
C GLN B 77 -21.40 -12.99 -7.86
#